data_3ZVX
#
_entry.id   3ZVX
#
_cell.length_a   42.620
_cell.length_b   80.680
_cell.length_c   148.760
_cell.angle_alpha   90.00
_cell.angle_beta   90.00
_cell.angle_gamma   90.00
#
_symmetry.space_group_name_H-M   'P 21 21 21'
#
loop_
_entity.id
_entity.type
_entity.pdbx_description
1 polymer LECTIN
2 branched alpha-D-mannopyranose-(1-3)-[alpha-D-mannopyranose-(1-6)]alpha-D-mannopyranose
3 non-polymer 'MANGANESE (II) ION'
4 non-polymer 'CALCIUM ION'
5 non-polymer 'SULFATE ION'
6 non-polymer GLYCEROL
7 water water
#
_entity_poly.entity_id   1
_entity_poly.type   'polypeptide(L)'
_entity_poly.pdbx_seq_one_letter_code
;MLLNRANSTDSLSFSFINFDRDERNLIFQGDAHTSRNNILQLTRTDSNGAPVRSTVGRILHSAQVRLWEKSTNRVANLQT
QFSFFLSSPLSNPADGIAFFIAPPDTTIPSGSAGGLLGLFNPRTALNESANQVLAVEFDTFFAQNSNTWDPNYQHIGIDV
NSIRSSKVVRWERREGKTLNVLVTYNPSTRTIDVVATYPDGQRYQLSHVVDLTTILPEWVRVGFSAASGEQFQTHNLESW
SFTSTLLYTAQKEDEYLARDM
;
_entity_poly.pdbx_strand_id   A,B
#
loop_
_chem_comp.id
_chem_comp.type
_chem_comp.name
_chem_comp.formula
CA non-polymer 'CALCIUM ION' 'Ca 2'
GOL non-polymer GLYCEROL 'C3 H8 O3'
MAN D-saccharide, alpha linking alpha-D-mannopyranose 'C6 H12 O6'
MN non-polymer 'MANGANESE (II) ION' 'Mn 2'
SO4 non-polymer 'SULFATE ION' 'O4 S -2'
#
# COMPACT_ATOMS: atom_id res chain seq x y z
N SER A 8 -1.83 13.31 -12.53
CA SER A 8 -2.65 12.07 -12.39
C SER A 8 -1.84 10.86 -12.87
N THR A 9 -1.32 10.07 -11.93
CA THR A 9 -0.54 8.91 -12.31
C THR A 9 -1.01 7.72 -11.48
N ASP A 10 -0.58 6.51 -11.88
CA ASP A 10 -0.72 5.29 -11.09
C ASP A 10 0.47 5.18 -10.16
N SER A 11 0.22 5.12 -8.86
CA SER A 11 1.29 5.25 -7.92
C SER A 11 0.94 4.53 -6.65
N LEU A 12 1.95 4.27 -5.82
CA LEU A 12 1.80 3.67 -4.50
C LEU A 12 2.86 4.25 -3.60
N SER A 13 2.46 4.57 -2.37
CA SER A 13 3.38 5.27 -1.48
C SER A 13 3.11 4.91 -0.01
N PHE A 14 4.14 4.82 0.84
CA PHE A 14 3.91 4.50 2.26
C PHE A 14 5.07 4.94 3.10
N SER A 15 4.86 5.12 4.40
CA SER A 15 5.93 5.62 5.28
C SER A 15 5.71 5.29 6.74
N PHE A 16 6.82 5.09 7.44
CA PHE A 16 6.84 4.79 8.88
C PHE A 16 7.84 5.76 9.51
N ILE A 17 7.45 6.47 10.56
CA ILE A 17 8.47 7.19 11.34
C ILE A 17 8.84 6.41 12.57
N ASN A 18 8.15 5.31 12.83
CA ASN A 18 8.47 4.43 13.93
C ASN A 18 7.94 3.09 13.44
N PHE A 19 8.29 2.00 14.14
CA PHE A 19 7.67 0.71 13.84
C PHE A 19 6.89 0.25 15.03
N ASP A 20 5.58 0.26 14.89
CA ASP A 20 4.73 -0.25 15.94
C ASP A 20 4.94 -1.75 16.03
N ARG A 21 4.63 -2.28 17.20
CA ARG A 21 4.79 -3.72 17.38
C ARG A 21 3.73 -4.51 16.63
N ASP A 22 2.69 -3.82 16.18
CA ASP A 22 1.66 -4.37 15.31
C ASP A 22 1.71 -3.56 14.00
N GLU A 23 2.43 -4.10 13.01
CA GLU A 23 2.51 -3.53 11.66
C GLU A 23 2.00 -4.54 10.66
N ARG A 24 0.71 -4.41 10.33
CA ARG A 24 -0.03 -5.41 9.59
C ARG A 24 0.27 -5.43 8.10
N ASN A 25 0.85 -4.33 7.61
CA ASN A 25 1.32 -4.25 6.23
C ASN A 25 2.80 -4.68 6.07
N LEU A 26 3.42 -5.22 7.13
CA LEU A 26 4.79 -5.70 6.97
C LEU A 26 4.88 -7.22 7.06
N ILE A 27 5.69 -7.80 6.17
CA ILE A 27 6.00 -9.21 6.24
C ILE A 27 7.36 -9.42 6.94
N PHE A 28 7.36 -10.06 8.10
CA PHE A 28 8.60 -10.32 8.85
C PHE A 28 9.19 -11.67 8.47
N GLN A 29 10.49 -11.68 8.19
CA GLN A 29 11.22 -12.95 7.89
C GLN A 29 12.46 -13.21 8.77
N GLY A 30 12.70 -14.49 9.09
CA GLY A 30 13.80 -14.93 9.92
C GLY A 30 13.72 -14.28 11.30
N ASP A 31 14.78 -13.56 11.68
CA ASP A 31 14.92 -13.01 13.03
C ASP A 31 14.39 -11.60 13.23
N ALA A 32 13.90 -10.98 12.15
CA ALA A 32 13.38 -9.60 12.24
C ALA A 32 12.21 -9.47 13.23
N HIS A 33 12.25 -8.43 14.06
CA HIS A 33 11.21 -8.16 15.06
C HIS A 33 11.29 -6.70 15.49
N THR A 34 10.26 -6.22 16.17
CA THR A 34 10.16 -4.82 16.65
C THR A 34 10.38 -4.67 18.19
N SER A 35 11.23 -3.75 18.60
CA SER A 35 11.49 -3.50 20.03
C SER A 35 10.37 -2.66 20.66
N ARG A 36 10.31 -2.68 21.99
CA ARG A 36 9.35 -1.89 22.75
C ARG A 36 9.52 -0.42 22.44
N ASN A 37 10.78 -0.02 22.19
CA ASN A 37 11.08 1.35 21.78
C ASN A 37 10.65 1.65 20.35
N ASN A 38 10.03 0.67 19.69
CA ASN A 38 9.49 0.90 18.32
C ASN A 38 10.53 1.15 17.21
N ILE A 39 11.67 0.49 17.34
CA ILE A 39 12.75 0.50 16.36
C ILE A 39 12.65 -0.92 15.83
N LEU A 40 12.82 -1.09 14.52
CA LEU A 40 12.74 -2.44 13.96
C LEU A 40 14.13 -3.08 13.93
N GLN A 41 14.23 -4.25 14.56
CA GLN A 41 15.52 -4.89 14.74
C GLN A 41 15.59 -6.10 13.84
N LEU A 42 16.44 -6.02 12.81
CA LEU A 42 16.47 -7.02 11.77
C LEU A 42 17.16 -8.33 12.16
N THR A 43 18.20 -8.23 12.99
CA THR A 43 18.97 -9.39 13.40
C THR A 43 18.73 -9.68 14.89
N ARG A 44 18.80 -10.98 15.21
CA ARG A 44 18.59 -11.51 16.54
C ARG A 44 19.49 -10.91 17.62
N THR A 45 18.90 -10.73 18.80
CA THR A 45 19.65 -10.33 19.97
C THR A 45 19.42 -11.32 21.13
N ASP A 46 20.35 -11.40 22.07
CA ASP A 46 20.18 -12.19 23.30
C ASP A 46 19.27 -11.50 24.33
N SER A 47 19.12 -12.13 25.50
CA SER A 47 18.21 -11.62 26.54
C SER A 47 18.47 -10.19 27.06
N ASN A 48 19.64 -9.61 26.72
CA ASN A 48 19.98 -8.21 27.06
C ASN A 48 19.96 -7.27 25.87
N GLY A 49 19.46 -7.74 24.73
CA GLY A 49 19.55 -6.95 23.50
C GLY A 49 20.94 -6.83 22.87
N ALA A 50 21.88 -7.67 23.28
CA ALA A 50 23.18 -7.69 22.64
C ALA A 50 23.10 -8.51 21.35
N PRO A 51 23.88 -8.14 20.32
CA PRO A 51 23.97 -8.93 19.06
C PRO A 51 24.59 -10.35 19.21
N VAL A 52 24.10 -11.29 18.42
CA VAL A 52 24.57 -12.66 18.39
C VAL A 52 24.99 -13.07 16.99
N ARG A 53 25.73 -14.19 16.94
CA ARG A 53 26.21 -14.78 15.68
C ARG A 53 25.09 -15.53 14.89
N SER A 54 25.37 -15.77 13.59
CA SER A 54 24.50 -16.60 12.72
CA SER A 54 24.52 -16.61 12.73
C SER A 54 23.05 -16.17 12.71
N THR A 55 22.78 -14.94 12.30
CA THR A 55 21.42 -14.49 12.29
C THR A 55 21.05 -13.81 10.95
N VAL A 56 19.82 -14.05 10.49
CA VAL A 56 19.30 -13.36 9.34
C VAL A 56 17.92 -12.79 9.60
N GLY A 57 17.71 -11.53 9.22
CA GLY A 57 16.38 -10.91 9.30
C GLY A 57 16.03 -10.00 8.14
N ARG A 58 14.74 -10.01 7.77
CA ARG A 58 14.26 -9.23 6.59
C ARG A 58 12.82 -8.77 6.80
N ILE A 59 12.45 -7.64 6.21
CA ILE A 59 11.05 -7.22 6.11
C ILE A 59 10.70 -6.84 4.68
N LEU A 60 9.41 -6.98 4.33
CA LEU A 60 8.87 -6.54 3.03
C LEU A 60 7.51 -5.90 3.28
N HIS A 61 7.21 -4.80 2.61
CA HIS A 61 5.85 -4.31 2.63
C HIS A 61 5.00 -5.35 1.88
N SER A 62 3.76 -5.55 2.32
CA SER A 62 2.89 -6.56 1.68
C SER A 62 2.33 -6.12 0.32
N ALA A 63 2.15 -4.82 0.12
CA ALA A 63 1.72 -4.28 -1.17
C ALA A 63 2.76 -4.53 -2.26
N GLN A 64 2.35 -5.11 -3.37
CA GLN A 64 3.22 -5.37 -4.52
C GLN A 64 3.41 -4.13 -5.35
N VAL A 65 4.63 -3.93 -5.82
CA VAL A 65 5.00 -2.77 -6.59
C VAL A 65 5.07 -3.21 -8.05
N ARG A 66 4.39 -2.47 -8.91
CA ARG A 66 4.41 -2.75 -10.34
C ARG A 66 5.54 -1.96 -10.97
N LEU A 67 6.50 -2.68 -11.55
CA LEU A 67 7.70 -2.05 -12.13
C LEU A 67 7.53 -1.49 -13.57
N TRP A 68 6.62 -2.12 -14.32
CA TRP A 68 6.22 -1.65 -15.65
C TRP A 68 4.84 -2.15 -16.04
N GLU A 69 4.41 -1.68 -17.20
CA GLU A 69 3.17 -2.13 -17.77
C GLU A 69 3.32 -2.06 -19.28
N LYS A 70 4.17 -2.95 -19.84
CA LYS A 70 4.45 -3.13 -21.29
C LYS A 70 3.38 -2.54 -22.24
N SER A 71 2.12 -2.82 -21.90
CA SER A 71 0.92 -2.22 -22.49
C SER A 71 1.06 -0.73 -22.85
N THR A 72 1.50 0.08 -21.89
CA THR A 72 1.53 1.54 -22.06
C THR A 72 2.98 2.12 -22.12
N ASN A 73 3.96 1.24 -22.31
CA ASN A 73 5.41 1.66 -22.25
C ASN A 73 5.71 2.43 -20.95
N ARG A 74 4.98 2.07 -19.89
CA ARG A 74 5.14 2.72 -18.58
C ARG A 74 6.12 1.94 -17.77
N VAL A 75 7.00 2.66 -17.10
CA VAL A 75 7.97 2.04 -16.24
C VAL A 75 7.89 2.78 -14.92
N ALA A 76 8.06 2.04 -13.84
CA ALA A 76 8.07 2.65 -12.51
C ALA A 76 9.30 3.51 -12.24
N ASN A 77 9.02 4.72 -11.78
CA ASN A 77 9.99 5.60 -11.24
C ASN A 77 9.87 5.55 -9.71
N LEU A 78 10.93 5.13 -9.03
CA LEU A 78 10.87 4.95 -7.58
C LEU A 78 11.86 5.75 -6.75
N GLN A 79 11.52 5.87 -5.48
CA GLN A 79 12.20 6.75 -4.56
C GLN A 79 12.01 6.20 -3.14
N THR A 80 13.10 5.92 -2.43
CA THR A 80 12.96 5.46 -1.04
C THR A 80 13.88 6.20 -0.07
N GLN A 81 13.36 6.54 1.10
CA GLN A 81 14.21 7.12 2.16
C GLN A 81 14.18 6.26 3.41
N PHE A 82 15.32 6.13 4.09
CA PHE A 82 15.36 5.38 5.34
C PHE A 82 16.54 5.72 6.25
N SER A 83 16.37 5.49 7.55
N SER A 83 16.37 5.47 7.55
CA SER A 83 17.48 5.64 8.48
CA SER A 83 17.44 5.66 8.52
C SER A 83 17.68 4.38 9.35
N PHE A 84 18.96 4.04 9.53
CA PHE A 84 19.36 2.93 10.37
C PHE A 84 20.62 3.30 11.22
N PHE A 85 20.81 2.55 12.29
CA PHE A 85 22.08 2.53 12.99
C PHE A 85 22.44 1.07 13.31
N LEU A 86 23.73 0.88 13.54
CA LEU A 86 24.35 -0.41 13.80
C LEU A 86 25.12 -0.29 15.11
N SER A 87 25.12 -1.34 15.93
CA SER A 87 25.88 -1.30 17.16
C SER A 87 26.38 -2.66 17.54
N SER A 88 27.52 -2.65 18.22
CA SER A 88 28.30 -3.86 18.43
C SER A 88 29.46 -3.60 19.41
N PRO A 89 29.73 -4.56 20.30
CA PRO A 89 30.91 -4.57 21.19
C PRO A 89 32.18 -4.94 20.45
N LEU A 90 32.04 -5.37 19.18
CA LEU A 90 33.16 -5.95 18.44
C LEU A 90 33.96 -4.91 17.76
N SER A 91 35.22 -5.25 17.46
CA SER A 91 36.09 -4.37 16.72
C SER A 91 35.94 -4.60 15.20
N ASN A 92 35.51 -5.81 14.83
CA ASN A 92 35.17 -6.20 13.45
C ASN A 92 33.64 -6.56 13.25
N PRO A 93 32.74 -5.58 13.43
CA PRO A 93 31.29 -5.87 13.34
C PRO A 93 30.82 -6.25 11.93
N ALA A 94 29.91 -7.21 11.88
CA ALA A 94 29.49 -7.86 10.65
C ALA A 94 27.93 -8.13 10.67
N ASP A 95 27.25 -8.20 9.53
CA ASP A 95 27.83 -8.06 8.21
C ASP A 95 27.30 -6.88 7.40
N GLY A 96 26.10 -6.38 7.70
CA GLY A 96 25.53 -5.23 6.99
C GLY A 96 24.01 -5.29 6.75
N ILE A 97 23.47 -4.16 6.32
CA ILE A 97 22.05 -4.00 6.05
C ILE A 97 21.90 -3.65 4.56
N ALA A 98 20.83 -4.12 3.95
CA ALA A 98 20.53 -3.79 2.58
C ALA A 98 19.05 -3.44 2.39
N PHE A 99 18.81 -2.39 1.61
CA PHE A 99 17.49 -2.16 1.05
C PHE A 99 17.46 -3.03 -0.19
N PHE A 100 16.32 -3.67 -0.45
CA PHE A 100 16.26 -4.62 -1.57
C PHE A 100 14.90 -4.80 -2.24
N ILE A 101 14.97 -5.21 -3.50
CA ILE A 101 13.82 -5.43 -4.37
C ILE A 101 13.94 -6.81 -5.04
N ALA A 102 12.84 -7.55 -5.00
CA ALA A 102 12.85 -8.95 -5.36
C ALA A 102 11.43 -9.40 -5.71
N PRO A 103 11.29 -10.62 -6.31
CA PRO A 103 9.94 -11.16 -6.58
C PRO A 103 9.09 -11.21 -5.29
N PRO A 104 7.74 -11.19 -5.44
CA PRO A 104 6.93 -11.02 -4.25
C PRO A 104 7.00 -12.17 -3.26
N ASP A 105 7.36 -13.36 -3.74
CA ASP A 105 7.43 -14.54 -2.89
C ASP A 105 8.87 -14.85 -2.41
N THR A 106 9.73 -13.85 -2.44
CA THR A 106 11.12 -13.97 -2.01
C THR A 106 11.24 -14.45 -0.56
N THR A 107 12.11 -15.43 -0.31
CA THR A 107 12.33 -15.96 1.06
C THR A 107 13.84 -15.97 1.35
N ILE A 108 14.20 -16.11 2.62
CA ILE A 108 15.60 -16.13 3.03
C ILE A 108 16.27 -17.41 2.49
N PRO A 109 17.32 -17.29 1.64
CA PRO A 109 18.07 -18.45 1.13
C PRO A 109 18.86 -19.14 2.23
N SER A 110 19.00 -20.47 2.15
CA SER A 110 20.00 -21.22 2.93
C SER A 110 21.44 -20.70 2.79
N GLY A 111 22.20 -20.77 3.88
CA GLY A 111 23.61 -20.30 3.92
C GLY A 111 23.81 -18.79 3.86
N SER A 112 22.74 -18.03 3.97
CA SER A 112 22.85 -16.57 3.82
C SER A 112 23.13 -15.73 5.11
N ALA A 113 23.25 -16.39 6.27
CA ALA A 113 23.58 -15.66 7.49
C ALA A 113 25.08 -15.37 7.52
N GLY A 114 25.46 -14.22 7.02
CA GLY A 114 26.85 -13.88 6.94
C GLY A 114 27.08 -12.87 5.84
N GLY A 115 28.16 -13.05 5.09
CA GLY A 115 28.51 -12.13 4.04
C GLY A 115 27.52 -12.05 2.87
N LEU A 116 26.61 -13.03 2.80
CA LEU A 116 25.58 -13.04 1.75
C LEU A 116 24.36 -12.16 2.10
N LEU A 117 24.35 -11.64 3.34
CA LEU A 117 23.48 -10.53 3.75
C LEU A 117 21.98 -10.86 3.81
N GLY A 118 21.68 -12.17 3.87
CA GLY A 118 20.33 -12.70 3.86
C GLY A 118 19.79 -12.67 2.43
N LEU A 119 20.63 -12.33 1.46
CA LEU A 119 20.18 -12.15 0.08
C LEU A 119 20.49 -13.29 -0.89
N PHE A 120 21.52 -14.07 -0.62
CA PHE A 120 21.95 -15.07 -1.59
C PHE A 120 22.24 -16.43 -0.94
N ASN A 121 22.13 -17.48 -1.75
CA ASN A 121 22.58 -18.83 -1.43
C ASN A 121 24.05 -18.89 -1.86
N PRO A 122 24.92 -19.54 -1.06
CA PRO A 122 26.32 -19.53 -1.48
C PRO A 122 26.64 -20.34 -2.73
N ARG A 123 25.80 -21.27 -3.13
CA ARG A 123 26.03 -22.01 -4.38
CA ARG A 123 26.05 -22.00 -4.38
C ARG A 123 25.76 -21.18 -5.63
N THR A 124 25.03 -20.08 -5.50
CA THR A 124 24.63 -19.26 -6.65
C THR A 124 24.86 -17.75 -6.45
N ALA A 125 25.60 -17.38 -5.41
CA ALA A 125 25.75 -15.96 -5.03
C ALA A 125 26.47 -15.08 -6.06
N LEU A 126 27.28 -15.67 -6.94
CA LEU A 126 27.99 -14.88 -7.97
C LEU A 126 27.48 -15.13 -9.39
N ASN A 127 26.40 -15.91 -9.49
CA ASN A 127 25.77 -16.36 -10.73
C ASN A 127 24.52 -15.52 -10.95
N GLU A 128 24.63 -14.50 -11.79
CA GLU A 128 23.54 -13.54 -12.00
C GLU A 128 22.29 -14.19 -12.60
N SER A 129 22.49 -15.18 -13.46
CA SER A 129 21.41 -15.96 -14.03
C SER A 129 20.48 -16.63 -12.99
N ALA A 130 20.96 -16.85 -11.77
CA ALA A 130 20.14 -17.60 -10.80
C ALA A 130 19.37 -16.70 -9.82
N ASN A 131 19.60 -15.41 -9.92
CA ASN A 131 19.07 -14.49 -8.96
C ASN A 131 18.18 -13.46 -9.62
N GLN A 132 17.29 -12.88 -8.81
CA GLN A 132 16.44 -11.81 -9.23
C GLN A 132 16.39 -10.82 -8.08
N VAL A 133 17.32 -9.89 -8.05
CA VAL A 133 17.45 -9.00 -6.90
C VAL A 133 18.25 -7.76 -7.23
N LEU A 134 17.68 -6.62 -6.87
CA LEU A 134 18.45 -5.41 -6.80
C LEU A 134 18.57 -5.11 -5.31
N ALA A 135 19.78 -4.79 -4.87
CA ALA A 135 20.03 -4.38 -3.47
C ALA A 135 20.95 -3.18 -3.40
N VAL A 136 20.74 -2.33 -2.40
CA VAL A 136 21.70 -1.29 -2.02
C VAL A 136 22.24 -1.71 -0.64
N GLU A 137 23.50 -2.12 -0.58
CA GLU A 137 24.11 -2.60 0.67
C GLU A 137 25.00 -1.58 1.41
N PHE A 138 25.02 -1.75 2.73
CA PHE A 138 25.88 -1.04 3.64
C PHE A 138 26.68 -2.14 4.35
N ASP A 139 27.92 -2.33 3.90
CA ASP A 139 28.68 -3.56 4.14
C ASP A 139 29.89 -3.26 5.02
N THR A 140 29.85 -3.78 6.25
CA THR A 140 30.82 -3.43 7.32
C THR A 140 31.99 -4.42 7.46
N PHE A 141 31.85 -5.60 6.84
CA PHE A 141 32.83 -6.67 6.96
C PHE A 141 33.27 -7.14 5.56
N PHE A 142 34.58 -7.04 5.29
CA PHE A 142 35.14 -7.25 3.94
C PHE A 142 36.35 -8.19 3.93
N ALA A 143 36.64 -8.87 5.05
CA ALA A 143 37.78 -9.82 5.08
C ALA A 143 37.84 -10.66 3.80
N GLN A 144 39.01 -10.71 3.20
CA GLN A 144 39.12 -11.21 1.84
C GLN A 144 39.12 -12.72 1.83
N ASN A 145 39.30 -13.29 3.02
CA ASN A 145 39.30 -14.74 3.23
C ASN A 145 37.93 -15.37 3.03
N SER A 146 36.88 -14.64 3.43
CA SER A 146 35.50 -15.13 3.30
C SER A 146 34.61 -14.23 2.43
N ASN A 147 34.97 -12.96 2.29
CA ASN A 147 34.16 -12.03 1.50
C ASN A 147 35.00 -11.63 0.27
N THR A 148 35.37 -12.66 -0.49
CA THR A 148 36.32 -12.57 -1.60
C THR A 148 35.88 -11.58 -2.67
N TRP A 149 34.56 -11.58 -2.92
CA TRP A 149 33.88 -10.64 -3.83
C TRP A 149 34.01 -9.14 -3.45
N ASP A 150 34.30 -8.83 -2.19
CA ASP A 150 34.25 -7.46 -1.70
C ASP A 150 35.48 -6.66 -2.03
N PRO A 151 35.36 -5.31 -2.10
CA PRO A 151 36.58 -4.50 -2.04
C PRO A 151 37.13 -4.60 -0.62
N ASN A 152 38.41 -4.29 -0.48
CA ASN A 152 39.09 -4.49 0.78
C ASN A 152 38.99 -3.28 1.75
N TYR A 153 37.75 -2.85 1.99
CA TYR A 153 37.40 -1.78 2.94
C TYR A 153 35.87 -1.78 3.16
N GLN A 154 35.36 -0.89 3.99
CA GLN A 154 33.93 -0.82 4.26
C GLN A 154 33.31 -0.08 3.09
N HIS A 155 32.07 -0.40 2.72
CA HIS A 155 31.50 0.17 1.48
C HIS A 155 29.96 0.17 1.43
N ILE A 156 29.43 1.18 0.72
CA ILE A 156 28.09 1.15 0.13
C ILE A 156 28.23 0.59 -1.30
N GLY A 157 27.36 -0.35 -1.67
CA GLY A 157 27.39 -1.00 -3.01
C GLY A 157 26.02 -1.19 -3.64
N ILE A 158 25.94 -1.16 -4.96
CA ILE A 158 24.74 -1.54 -5.74
C ILE A 158 24.90 -2.96 -6.32
N ASP A 159 24.02 -3.86 -5.90
CA ASP A 159 24.11 -5.29 -6.25
C ASP A 159 23.03 -5.68 -7.25
N VAL A 160 23.43 -6.25 -8.38
CA VAL A 160 22.52 -6.63 -9.45
C VAL A 160 22.68 -8.14 -9.63
N ASN A 161 21.76 -8.89 -9.03
CA ASN A 161 21.74 -10.34 -9.16
C ASN A 161 23.02 -11.03 -8.66
N SER A 162 23.80 -10.31 -7.87
CA SER A 162 25.10 -10.81 -7.41
C SER A 162 25.46 -10.18 -6.06
N ILE A 163 26.16 -10.94 -5.22
CA ILE A 163 26.72 -10.37 -3.98
C ILE A 163 27.94 -9.51 -4.23
N ARG A 164 28.52 -9.65 -5.42
CA ARG A 164 29.63 -8.85 -5.84
C ARG A 164 29.00 -7.64 -6.48
N SER A 165 29.24 -6.49 -5.89
CA SER A 165 28.64 -5.24 -6.35
C SER A 165 29.03 -4.82 -7.76
N SER A 166 28.07 -4.27 -8.51
CA SER A 166 28.39 -3.65 -9.80
C SER A 166 29.17 -2.33 -9.62
N LYS A 167 28.83 -1.58 -8.58
CA LYS A 167 29.56 -0.38 -8.18
CA LYS A 167 29.54 -0.37 -8.18
C LYS A 167 29.61 -0.27 -6.64
N VAL A 168 30.76 0.15 -6.11
CA VAL A 168 30.93 0.38 -4.68
C VAL A 168 31.47 1.80 -4.49
N VAL A 169 31.34 2.33 -3.28
CA VAL A 169 32.06 3.54 -2.87
C VAL A 169 32.50 3.23 -1.46
N ARG A 170 33.65 3.77 -1.08
CA ARG A 170 34.20 3.59 0.26
C ARG A 170 33.30 4.27 1.30
N TRP A 171 33.19 3.64 2.47
CA TRP A 171 32.23 4.07 3.49
C TRP A 171 32.77 3.79 4.89
N GLU A 172 32.49 4.67 5.84
CA GLU A 172 32.83 4.43 7.25
C GLU A 172 31.61 4.08 8.12
N ARG A 173 31.61 2.88 8.70
CA ARG A 173 30.67 2.53 9.74
C ARG A 173 30.98 3.40 10.95
N ARG A 174 29.93 3.89 11.61
CA ARG A 174 30.06 4.62 12.85
C ARG A 174 29.15 4.05 13.90
N GLU A 175 29.75 3.37 14.86
CA GLU A 175 29.05 2.77 16.00
C GLU A 175 27.90 3.64 16.54
N GLY A 176 26.68 3.07 16.59
CA GLY A 176 25.49 3.75 17.12
C GLY A 176 24.94 5.00 16.41
N LYS A 177 25.61 5.47 15.36
CA LYS A 177 25.15 6.65 14.58
C LYS A 177 24.16 6.30 13.47
N THR A 178 23.11 7.13 13.35
CA THR A 178 22.09 7.02 12.30
C THR A 178 22.61 7.48 10.96
N LEU A 179 22.51 6.59 9.98
CA LEU A 179 22.75 6.98 8.61
C LEU A 179 21.40 7.26 7.94
N ASN A 180 21.25 8.45 7.36
CA ASN A 180 20.10 8.75 6.51
C ASN A 180 20.35 8.44 5.04
N VAL A 181 19.47 7.68 4.40
CA VAL A 181 19.73 7.25 3.04
C VAL A 181 18.58 7.60 2.06
N LEU A 182 18.95 8.00 0.85
CA LEU A 182 18.01 8.23 -0.24
C LEU A 182 18.45 7.44 -1.48
N VAL A 183 17.56 6.59 -1.95
CA VAL A 183 17.76 5.79 -3.15
C VAL A 183 16.70 6.21 -4.14
N THR A 184 17.07 6.42 -5.40
CA THR A 184 16.07 6.67 -6.43
C THR A 184 16.36 5.78 -7.63
N TYR A 185 15.32 5.44 -8.38
CA TYR A 185 15.47 4.92 -9.73
C TYR A 185 14.78 5.86 -10.71
N ASN A 186 15.56 6.40 -11.64
CA ASN A 186 15.01 7.18 -12.75
C ASN A 186 14.88 6.27 -13.98
N PRO A 187 13.65 5.91 -14.38
CA PRO A 187 13.51 5.06 -15.56
C PRO A 187 13.89 5.72 -16.93
N SER A 188 13.89 7.06 -17.05
CA SER A 188 14.29 7.71 -18.32
C SER A 188 15.80 7.61 -18.55
N THR A 189 16.59 7.79 -17.50
CA THR A 189 18.02 7.60 -17.58
C THR A 189 18.49 6.19 -17.15
N ARG A 190 17.57 5.30 -16.79
CA ARG A 190 17.88 3.97 -16.22
C ARG A 190 18.91 3.98 -15.06
N THR A 191 18.90 5.06 -14.30
CA THR A 191 19.92 5.28 -13.29
C THR A 191 19.43 5.02 -11.86
N ILE A 192 20.21 4.23 -11.13
CA ILE A 192 19.98 4.03 -9.68
C ILE A 192 20.91 4.94 -8.95
N ASP A 193 20.35 5.80 -8.13
CA ASP A 193 21.12 6.81 -7.46
C ASP A 193 21.02 6.69 -5.94
N VAL A 194 22.18 6.68 -5.27
CA VAL A 194 22.27 6.54 -3.83
C VAL A 194 23.00 7.71 -3.16
N VAL A 195 22.36 8.33 -2.17
CA VAL A 195 22.98 9.35 -1.33
C VAL A 195 22.80 8.98 0.14
N ALA A 196 23.89 8.88 0.89
CA ALA A 196 23.81 8.58 2.33
C ALA A 196 24.39 9.72 3.15
N THR A 197 23.83 10.01 4.31
CA THR A 197 24.42 11.10 5.12
C THR A 197 24.38 10.81 6.62
N TYR A 198 25.49 11.12 7.32
CA TYR A 198 25.51 11.04 8.79
C TYR A 198 24.96 12.35 9.37
N PRO A 199 24.75 12.43 10.69
CA PRO A 199 24.17 13.69 11.23
C PRO A 199 25.09 14.92 11.19
N ASP A 200 26.42 14.70 11.14
CA ASP A 200 27.41 15.77 10.99
C ASP A 200 27.57 16.18 9.52
N GLY A 201 26.68 15.69 8.65
CA GLY A 201 26.72 16.03 7.20
C GLY A 201 27.67 15.21 6.34
N GLN A 202 28.55 14.44 6.95
CA GLN A 202 29.43 13.54 6.24
C GLN A 202 28.63 12.77 5.18
N ARG A 203 29.07 12.83 3.93
CA ARG A 203 28.21 12.44 2.82
C ARG A 203 28.80 11.34 1.95
N TYR A 204 27.93 10.52 1.35
CA TYR A 204 28.35 9.43 0.44
C TYR A 204 27.43 9.34 -0.81
N GLN A 205 28.01 9.31 -2.01
CA GLN A 205 27.20 9.19 -3.25
C GLN A 205 27.67 7.99 -4.04
N LEU A 206 26.73 7.37 -4.75
CA LEU A 206 26.98 6.22 -5.60
C LEU A 206 25.86 6.05 -6.68
N SER A 207 26.22 5.90 -7.95
CA SER A 207 25.22 5.57 -8.98
C SER A 207 25.60 4.37 -9.85
N HIS A 208 24.60 3.80 -10.50
CA HIS A 208 24.81 2.69 -11.41
C HIS A 208 23.67 2.62 -12.39
N VAL A 209 24.02 2.47 -13.67
CA VAL A 209 23.05 2.40 -14.74
C VAL A 209 22.73 0.92 -14.95
N VAL A 210 21.45 0.58 -14.78
CA VAL A 210 20.93 -0.76 -15.06
C VAL A 210 19.44 -0.60 -15.33
N ASP A 211 18.93 -1.29 -16.35
CA ASP A 211 17.54 -1.23 -16.74
C ASP A 211 16.77 -2.22 -15.89
N LEU A 212 15.93 -1.71 -14.98
CA LEU A 212 15.31 -2.60 -13.97
C LEU A 212 14.37 -3.60 -14.60
N THR A 213 13.83 -3.24 -15.77
CA THR A 213 12.96 -4.14 -16.49
C THR A 213 13.70 -5.37 -17.02
N THR A 214 15.02 -5.30 -17.13
CA THR A 214 15.72 -6.46 -17.65
C THR A 214 16.10 -7.43 -16.55
N ILE A 215 16.10 -6.97 -15.29
CA ILE A 215 16.53 -7.80 -14.15
C ILE A 215 15.44 -8.34 -13.20
N LEU A 216 14.29 -7.67 -13.14
CA LEU A 216 13.24 -8.03 -12.19
C LEU A 216 11.89 -8.33 -12.85
N PRO A 217 10.99 -9.03 -12.13
CA PRO A 217 9.67 -9.27 -12.75
C PRO A 217 8.74 -8.02 -12.74
N GLU A 218 7.55 -8.13 -13.33
CA GLU A 218 6.64 -7.00 -13.46
C GLU A 218 6.18 -6.52 -12.10
N TRP A 219 5.91 -7.48 -11.24
CA TRP A 219 5.46 -7.18 -9.90
C TRP A 219 6.54 -7.58 -8.92
N VAL A 220 6.89 -6.66 -8.01
CA VAL A 220 7.90 -6.94 -6.98
C VAL A 220 7.48 -6.55 -5.55
N ARG A 221 8.29 -6.97 -4.59
CA ARG A 221 8.19 -6.44 -3.23
C ARG A 221 9.45 -5.72 -2.83
N VAL A 222 9.29 -4.73 -1.97
CA VAL A 222 10.45 -3.98 -1.50
C VAL A 222 10.60 -4.06 0.04
N GLY A 223 11.84 -3.91 0.51
CA GLY A 223 12.14 -3.97 1.94
C GLY A 223 13.62 -4.09 2.25
N PHE A 224 13.95 -4.67 3.41
CA PHE A 224 15.30 -4.69 3.95
C PHE A 224 15.72 -6.08 4.40
N SER A 225 17.02 -6.34 4.27
CA SER A 225 17.69 -7.53 4.76
C SER A 225 18.96 -7.16 5.55
N ALA A 226 19.26 -7.96 6.57
CA ALA A 226 20.51 -7.81 7.31
C ALA A 226 20.87 -9.19 7.83
N ALA A 227 22.16 -9.38 8.10
CA ALA A 227 22.71 -10.66 8.59
C ALA A 227 23.99 -10.47 9.40
N SER A 228 24.27 -11.45 10.26
CA SER A 228 25.56 -11.59 10.89
C SER A 228 26.02 -13.04 10.73
N GLY A 229 27.31 -13.24 10.49
CA GLY A 229 27.91 -14.59 10.51
C GLY A 229 28.58 -14.91 11.84
N GLU A 230 29.89 -15.17 11.79
CA GLU A 230 30.71 -15.29 13.01
C GLU A 230 30.96 -13.95 13.74
N GLN A 231 31.00 -12.87 12.98
CA GLN A 231 31.05 -11.51 13.52
C GLN A 231 29.60 -10.98 13.51
N PHE A 232 29.33 -10.03 14.37
CA PHE A 232 27.98 -9.61 14.60
C PHE A 232 27.77 -8.13 15.00
N GLN A 233 26.53 -7.67 14.86
CA GLN A 233 26.13 -6.33 15.26
C GLN A 233 24.60 -6.27 15.23
N THR A 234 24.02 -5.23 15.81
CA THR A 234 22.59 -5.00 15.65
C THR A 234 22.39 -4.16 14.40
N HIS A 235 21.29 -4.43 13.69
CA HIS A 235 20.91 -3.71 12.48
C HIS A 235 19.50 -3.12 12.72
N ASN A 236 19.47 -1.84 13.02
CA ASN A 236 18.30 -1.22 13.56
C ASN A 236 17.75 -0.24 12.56
N LEU A 237 16.58 -0.53 11.98
CA LEU A 237 15.92 0.41 11.05
C LEU A 237 15.00 1.37 11.83
N GLU A 238 15.19 2.67 11.66
CA GLU A 238 14.40 3.65 12.44
C GLU A 238 13.15 4.17 11.75
N SER A 239 13.23 4.31 10.43
CA SER A 239 12.20 4.97 9.64
C SER A 239 12.38 4.54 8.20
N TRP A 240 11.32 4.67 7.40
CA TRP A 240 11.29 4.16 6.01
C TRP A 240 10.12 4.76 5.30
N SER A 241 10.38 5.35 4.13
CA SER A 241 9.28 5.74 3.25
C SER A 241 9.63 5.35 1.84
N PHE A 242 8.59 5.15 1.05
CA PHE A 242 8.71 4.57 -0.27
C PHE A 242 7.60 5.15 -1.14
N THR A 243 7.98 5.47 -2.37
CA THR A 243 7.04 5.87 -3.39
C THR A 243 7.41 5.24 -4.70
N SER A 244 6.42 4.71 -5.39
CA SER A 244 6.63 4.28 -6.77
C SER A 244 5.55 4.88 -7.64
N THR A 245 5.97 5.40 -8.79
CA THR A 245 5.05 6.03 -9.75
C THR A 245 5.32 5.53 -11.19
N LEU A 246 4.30 4.95 -11.81
CA LEU A 246 4.39 4.53 -13.21
C LEU A 246 4.36 5.74 -14.14
N LEU A 247 5.37 5.83 -14.99
CA LEU A 247 5.61 6.98 -15.84
C LEU A 247 5.84 6.53 -17.26
N TYR A 248 5.39 7.33 -18.22
CA TYR A 248 5.65 6.98 -19.61
C TYR A 248 7.16 6.99 -19.92
N THR A 249 7.68 5.90 -20.48
CA THR A 249 9.07 5.92 -20.96
C THR A 249 9.28 5.54 -22.45
N THR B 9 6.22 10.83 7.75
CA THR B 9 5.14 10.54 8.74
C THR B 9 4.89 9.05 8.67
N ASP B 10 3.76 8.65 9.26
CA ASP B 10 3.09 7.45 8.80
C ASP B 10 1.93 7.85 7.85
N SER B 11 1.90 7.16 6.71
N SER B 11 1.88 7.13 6.72
CA SER B 11 1.03 7.49 5.61
CA SER B 11 1.07 7.51 5.59
C SER B 11 0.87 6.26 4.74
N LEU B 12 -0.26 6.19 4.05
CA LEU B 12 -0.43 5.22 3.00
C LEU B 12 -1.17 5.98 1.93
N SER B 13 -0.78 5.75 0.68
CA SER B 13 -1.39 6.48 -0.38
C SER B 13 -1.25 5.71 -1.67
N PHE B 14 -2.32 5.66 -2.46
CA PHE B 14 -2.25 4.96 -3.74
C PHE B 14 -3.16 5.66 -4.76
N SER B 15 -2.87 5.44 -6.04
CA SER B 15 -3.56 6.09 -7.17
C SER B 15 -3.80 5.10 -8.30
N PHE B 16 -5.01 5.15 -8.86
CA PHE B 16 -5.29 4.47 -10.08
C PHE B 16 -5.92 5.49 -11.01
N ILE B 17 -5.25 5.76 -12.13
CA ILE B 17 -5.79 6.61 -13.22
C ILE B 17 -6.81 5.89 -14.08
N ASN B 18 -6.74 4.56 -14.07
CA ASN B 18 -7.68 3.63 -14.73
C ASN B 18 -7.36 2.27 -14.15
N PHE B 19 -8.03 1.20 -14.57
CA PHE B 19 -7.76 -0.14 -13.98
C PHE B 19 -7.33 -1.20 -14.99
N ASP B 20 -6.18 -1.83 -14.72
CA ASP B 20 -5.60 -2.84 -15.59
C ASP B 20 -6.20 -4.19 -15.20
N ARG B 21 -6.33 -5.10 -16.16
CA ARG B 21 -7.00 -6.38 -15.92
C ARG B 21 -6.21 -7.27 -14.95
N ASP B 22 -4.96 -6.92 -14.71
CA ASP B 22 -4.12 -7.50 -13.67
C ASP B 22 -3.85 -6.41 -12.58
N GLU B 23 -4.52 -6.53 -11.43
CA GLU B 23 -4.35 -5.60 -10.32
C GLU B 23 -4.19 -6.38 -9.06
N ARG B 24 -2.94 -6.71 -8.79
CA ARG B 24 -2.55 -7.50 -7.63
C ARG B 24 -2.86 -6.88 -6.27
N ASN B 25 -3.03 -5.57 -6.18
CA ASN B 25 -3.29 -4.95 -4.88
C ASN B 25 -4.77 -4.69 -4.58
N LEU B 26 -5.66 -5.25 -5.39
CA LEU B 26 -7.10 -5.07 -5.15
C LEU B 26 -7.74 -6.38 -4.79
N ILE B 27 -8.62 -6.35 -3.80
CA ILE B 27 -9.47 -7.49 -3.55
C ILE B 27 -10.80 -7.30 -4.33
N PHE B 28 -11.10 -8.22 -5.24
CA PHE B 28 -12.38 -8.22 -5.98
C PHE B 28 -13.40 -9.14 -5.33
N GLN B 29 -14.61 -8.62 -5.13
CA GLN B 29 -15.66 -9.43 -4.57
C GLN B 29 -16.90 -9.43 -5.44
N GLY B 30 -17.55 -10.58 -5.47
CA GLY B 30 -18.81 -10.75 -6.16
C GLY B 30 -18.63 -10.57 -7.66
N ASP B 31 -19.43 -9.67 -8.22
CA ASP B 31 -19.46 -9.44 -9.69
C ASP B 31 -18.46 -8.41 -10.22
N ALA B 32 -17.67 -7.83 -9.34
CA ALA B 32 -16.68 -6.84 -9.76
C ALA B 32 -15.66 -7.39 -10.77
N HIS B 33 -15.55 -6.73 -11.93
CA HIS B 33 -14.57 -7.10 -12.98
C HIS B 33 -14.01 -5.87 -13.68
N THR B 34 -12.80 -6.00 -14.22
CA THR B 34 -12.19 -4.92 -15.00
C THR B 34 -12.56 -5.13 -16.47
N SER B 35 -13.03 -4.07 -17.13
CA SER B 35 -13.39 -4.12 -18.56
C SER B 35 -12.16 -3.98 -19.43
N ARG B 36 -12.31 -4.28 -20.70
CA ARG B 36 -11.15 -4.20 -21.58
C ARG B 36 -10.71 -2.76 -21.86
N ASN B 37 -11.56 -1.78 -21.53
CA ASN B 37 -11.15 -0.38 -21.55
C ASN B 37 -10.68 0.21 -20.22
N ASN B 38 -10.32 -0.65 -19.30
CA ASN B 38 -9.66 -0.20 -18.06
C ASN B 38 -10.59 0.57 -17.12
N ILE B 39 -11.86 0.19 -17.18
CA ILE B 39 -12.90 0.67 -16.30
C ILE B 39 -13.17 -0.47 -15.34
N LEU B 40 -13.40 -0.11 -14.08
CA LEU B 40 -13.84 -1.13 -13.15
C LEU B 40 -15.37 -1.19 -13.11
N GLN B 41 -15.91 -2.31 -13.54
CA GLN B 41 -17.37 -2.49 -13.61
C GLN B 41 -17.75 -3.27 -12.35
N LEU B 42 -18.38 -2.58 -11.41
CA LEU B 42 -18.68 -3.23 -10.12
C LEU B 42 -19.78 -4.27 -10.27
N THR B 43 -20.81 -3.97 -11.08
CA THR B 43 -21.92 -4.92 -11.31
C THR B 43 -21.84 -5.65 -12.63
N ARG B 44 -22.46 -6.83 -12.62
CA ARG B 44 -22.39 -7.71 -13.75
C ARG B 44 -23.05 -7.12 -15.01
N THR B 45 -22.39 -7.34 -16.15
CA THR B 45 -22.96 -7.09 -17.48
C THR B 45 -22.95 -8.35 -18.36
N ASP B 46 -23.93 -8.46 -19.28
CA ASP B 46 -23.89 -9.51 -20.30
C ASP B 46 -22.92 -9.19 -21.44
N SER B 47 -22.88 -10.08 -22.43
CA SER B 47 -21.99 -9.92 -23.60
C SER B 47 -22.30 -8.74 -24.48
N ASN B 48 -23.32 -7.95 -24.13
CA ASN B 48 -23.66 -6.74 -24.88
C ASN B 48 -23.27 -5.48 -24.12
N GLY B 49 -22.64 -5.71 -22.96
CA GLY B 49 -22.25 -4.66 -22.06
C GLY B 49 -23.45 -4.11 -21.33
N ALA B 50 -24.53 -4.88 -21.36
CA ALA B 50 -25.78 -4.45 -20.77
C ALA B 50 -25.90 -4.87 -19.28
N PRO B 51 -26.45 -3.99 -18.42
CA PRO B 51 -26.62 -4.31 -16.98
C PRO B 51 -27.52 -5.54 -16.79
N VAL B 52 -27.42 -6.19 -15.64
CA VAL B 52 -28.33 -7.28 -15.31
C VAL B 52 -28.96 -7.06 -13.94
N ARG B 53 -30.03 -7.80 -13.66
CA ARG B 53 -30.70 -7.75 -12.36
C ARG B 53 -29.94 -8.58 -11.28
N SER B 54 -30.11 -8.26 -9.99
CA SER B 54 -29.54 -9.13 -8.93
C SER B 54 -28.03 -9.26 -9.03
N THR B 55 -27.34 -8.16 -8.86
CA THR B 55 -25.90 -8.17 -8.96
C THR B 55 -25.31 -7.26 -7.89
N VAL B 56 -24.17 -7.67 -7.34
CA VAL B 56 -23.41 -6.89 -6.35
C VAL B 56 -21.93 -7.16 -6.62
N GLY B 57 -21.15 -6.08 -6.61
CA GLY B 57 -19.72 -6.24 -6.70
C GLY B 57 -19.03 -5.21 -5.85
N ARG B 58 -17.84 -5.57 -5.35
CA ARG B 58 -17.05 -4.66 -4.54
C ARG B 58 -15.55 -4.85 -4.80
N ILE B 59 -14.80 -3.78 -4.60
CA ILE B 59 -13.34 -3.88 -4.49
C ILE B 59 -12.88 -3.31 -3.15
N LEU B 60 -11.78 -3.84 -2.64
CA LEU B 60 -11.02 -3.24 -1.54
C LEU B 60 -9.54 -3.24 -1.91
N HIS B 61 -8.83 -2.19 -1.51
CA HIS B 61 -7.39 -2.25 -1.54
C HIS B 61 -6.92 -3.24 -0.49
N SER B 62 -5.89 -4.01 -0.83
CA SER B 62 -5.39 -5.05 0.07
C SER B 62 -4.62 -4.43 1.26
N ALA B 63 -4.00 -3.28 1.06
CA ALA B 63 -3.32 -2.58 2.13
C ALA B 63 -4.31 -2.12 3.20
N GLN B 64 -4.01 -2.40 4.47
CA GLN B 64 -4.91 -2.04 5.57
C GLN B 64 -4.63 -0.62 6.00
N VAL B 65 -5.69 0.13 6.29
CA VAL B 65 -5.54 1.52 6.78
C VAL B 65 -5.64 1.45 8.34
N ARG B 66 -4.65 2.03 9.01
CA ARG B 66 -4.65 2.14 10.48
C ARG B 66 -5.28 3.46 10.87
N LEU B 67 -6.29 3.42 11.74
CA LEU B 67 -7.07 4.61 12.05
C LEU B 67 -6.53 5.43 13.19
N TRP B 68 -5.72 4.77 14.01
CA TRP B 68 -5.02 5.41 15.12
C TRP B 68 -3.87 4.51 15.54
N GLU B 69 -2.95 5.08 16.30
CA GLU B 69 -1.80 4.34 16.81
C GLU B 69 -1.47 4.78 18.22
N LYS B 70 -1.72 3.91 19.17
CA LYS B 70 -1.57 4.27 20.59
C LYS B 70 -0.09 4.58 20.92
N SER B 71 0.83 3.75 20.44
CA SER B 71 2.24 3.93 20.83
C SER B 71 2.76 5.37 20.64
N THR B 72 2.29 6.04 19.60
CA THR B 72 2.69 7.41 19.32
C THR B 72 1.55 8.41 19.60
N ASN B 73 0.42 7.92 20.11
CA ASN B 73 -0.80 8.74 20.25
C ASN B 73 -1.25 9.46 18.96
N ARG B 74 -1.18 8.80 17.81
CA ARG B 74 -1.60 9.48 16.58
C ARG B 74 -2.99 9.00 16.13
N VAL B 75 -3.72 9.88 15.43
CA VAL B 75 -5.01 9.55 14.82
C VAL B 75 -5.00 9.79 13.30
N ALA B 76 -5.69 8.96 12.54
CA ALA B 76 -5.63 9.02 11.06
C ALA B 76 -6.55 10.08 10.52
N ASN B 77 -6.04 10.89 9.59
CA ASN B 77 -6.94 11.59 8.66
C ASN B 77 -7.12 10.74 7.43
N LEU B 78 -8.00 11.16 6.54
CA LEU B 78 -8.09 10.49 5.26
C LEU B 78 -8.68 11.34 4.17
N GLN B 79 -8.32 11.00 2.94
CA GLN B 79 -8.88 11.70 1.81
C GLN B 79 -8.91 10.82 0.62
N THR B 80 -10.02 10.81 -0.09
CA THR B 80 -10.17 9.99 -1.29
C THR B 80 -10.79 10.81 -2.42
N GLN B 81 -10.34 10.57 -3.63
CA GLN B 81 -10.91 11.16 -4.84
C GLN B 81 -11.28 10.05 -5.82
N PHE B 82 -12.43 10.16 -6.46
CA PHE B 82 -12.86 9.12 -7.41
C PHE B 82 -13.80 9.64 -8.50
N SER B 83 -13.97 8.88 -9.56
CA SER B 83 -14.97 9.26 -10.55
C SER B 83 -15.67 8.04 -11.06
N PHE B 84 -16.97 8.21 -11.24
CA PHE B 84 -17.81 7.14 -11.78
C PHE B 84 -18.87 7.67 -12.74
N PHE B 85 -19.40 6.76 -13.53
CA PHE B 85 -20.63 7.04 -14.28
C PHE B 85 -21.51 5.81 -14.28
N LEU B 86 -22.81 6.07 -14.41
CA LEU B 86 -23.85 5.04 -14.35
C LEU B 86 -24.63 5.01 -15.65
N SER B 87 -24.98 3.81 -16.09
CA SER B 87 -25.70 3.72 -17.34
C SER B 87 -26.83 2.70 -17.28
N SER B 88 -28.03 3.11 -17.70
CA SER B 88 -29.22 2.25 -17.76
C SER B 88 -30.28 2.79 -18.77
N PRO B 89 -31.11 1.90 -19.35
CA PRO B 89 -32.27 2.36 -20.17
C PRO B 89 -33.56 2.70 -19.38
N LEU B 90 -33.57 2.38 -18.09
CA LEU B 90 -34.71 2.62 -17.19
C LEU B 90 -34.84 4.06 -16.76
N SER B 91 -36.08 4.51 -16.54
CA SER B 91 -36.26 5.82 -15.95
C SER B 91 -36.14 5.74 -14.42
N ASN B 92 -36.25 4.53 -13.85
CA ASN B 92 -35.93 4.32 -12.42
C ASN B 92 -34.71 3.39 -12.19
N PRO B 93 -33.50 3.82 -12.63
CA PRO B 93 -32.35 2.90 -12.58
C PRO B 93 -31.81 2.70 -11.12
N ALA B 94 -31.29 1.51 -10.84
CA ALA B 94 -30.97 1.10 -9.46
C ALA B 94 -29.66 0.26 -9.41
N ASP B 95 -28.98 0.19 -8.25
CA ASP B 95 -29.37 0.84 -7.01
C ASP B 95 -28.47 1.98 -6.58
N GLY B 96 -27.20 1.92 -6.97
CA GLY B 96 -26.24 2.86 -6.47
C GLY B 96 -24.86 2.32 -6.25
N ILE B 97 -23.93 3.25 -6.13
CA ILE B 97 -22.52 2.98 -5.86
C ILE B 97 -22.16 3.67 -4.55
N ALA B 98 -21.21 3.10 -3.82
CA ALA B 98 -20.76 3.69 -2.57
C ALA B 98 -19.28 3.49 -2.32
N PHE B 99 -18.62 4.57 -1.85
CA PHE B 99 -17.32 4.43 -1.23
C PHE B 99 -17.57 3.94 0.20
N PHE B 100 -16.75 2.97 0.65
CA PHE B 100 -16.86 2.48 2.04
C PHE B 100 -15.56 2.15 2.79
N ILE B 101 -15.66 2.16 4.13
CA ILE B 101 -14.59 1.82 5.07
C ILE B 101 -15.17 0.75 5.98
N ALA B 102 -14.52 -0.39 6.07
CA ALA B 102 -15.06 -1.52 6.86
C ALA B 102 -13.93 -2.35 7.48
N PRO B 103 -14.26 -3.33 8.37
CA PRO B 103 -13.17 -4.18 8.88
C PRO B 103 -12.49 -4.93 7.73
N PRO B 104 -11.21 -5.32 7.92
CA PRO B 104 -10.43 -5.86 6.80
C PRO B 104 -10.93 -7.20 6.25
N ASP B 105 -11.64 -7.97 7.06
CA ASP B 105 -12.21 -9.22 6.55
C ASP B 105 -13.64 -9.06 6.03
N THR B 106 -14.08 -7.81 5.85
CA THR B 106 -15.41 -7.55 5.26
C THR B 106 -15.70 -8.35 3.99
N THR B 107 -16.89 -8.94 3.91
CA THR B 107 -17.31 -9.64 2.68
C THR B 107 -18.76 -9.25 2.36
N ILE B 108 -19.21 -9.52 1.13
CA ILE B 108 -20.58 -9.16 0.72
C ILE B 108 -21.65 -9.91 1.54
N PRO B 109 -22.55 -9.15 2.20
CA PRO B 109 -23.56 -9.82 3.00
C PRO B 109 -24.63 -10.48 2.13
N SER B 110 -25.30 -11.49 2.70
CA SER B 110 -26.47 -12.09 2.07
C SER B 110 -27.52 -11.05 1.84
N GLY B 111 -28.24 -11.16 0.72
CA GLY B 111 -29.35 -10.26 0.41
C GLY B 111 -28.96 -8.81 0.18
N SER B 112 -27.72 -8.53 -0.18
CA SER B 112 -27.34 -7.12 -0.36
C SER B 112 -27.39 -6.70 -1.83
N ALA B 113 -27.74 -7.63 -2.73
CA ALA B 113 -27.94 -7.29 -4.15
C ALA B 113 -29.23 -6.48 -4.29
N GLY B 114 -29.14 -5.17 -4.12
CA GLY B 114 -30.32 -4.32 -4.23
C GLY B 114 -30.14 -3.03 -3.46
N GLY B 115 -31.22 -2.58 -2.84
CA GLY B 115 -31.27 -1.32 -2.10
C GLY B 115 -30.29 -1.23 -0.94
N LEU B 116 -29.73 -2.38 -0.55
CA LEU B 116 -28.62 -2.43 0.44
C LEU B 116 -27.19 -2.20 -0.10
N LEU B 117 -27.04 -2.04 -1.42
CA LEU B 117 -25.80 -1.55 -2.03
C LEU B 117 -24.59 -2.46 -1.74
N GLY B 118 -24.87 -3.73 -1.50
CA GLY B 118 -23.84 -4.72 -1.16
C GLY B 118 -23.12 -4.54 0.17
N LEU B 119 -23.73 -3.81 1.10
CA LEU B 119 -23.06 -3.37 2.34
C LEU B 119 -23.72 -3.95 3.59
N PHE B 120 -25.01 -4.25 3.51
CA PHE B 120 -25.79 -4.69 4.64
C PHE B 120 -26.56 -5.99 4.33
N ASN B 121 -26.82 -6.76 5.37
CA ASN B 121 -27.73 -7.89 5.35
C ASN B 121 -29.16 -7.41 5.68
N PRO B 122 -30.18 -7.89 4.94
CA PRO B 122 -31.54 -7.31 5.16
C PRO B 122 -32.06 -7.45 6.60
N ARG B 123 -31.71 -8.56 7.27
CA ARG B 123 -32.15 -8.82 8.66
C ARG B 123 -31.58 -7.80 9.67
N THR B 124 -30.38 -7.28 9.40
CA THR B 124 -29.67 -6.37 10.32
C THR B 124 -29.39 -4.97 9.77
N ALA B 125 -29.81 -4.70 8.52
CA ALA B 125 -29.45 -3.44 7.86
C ALA B 125 -29.73 -2.11 8.59
N LEU B 126 -30.68 -2.09 9.52
CA LEU B 126 -31.06 -0.83 10.19
C LEU B 126 -30.66 -0.82 11.66
N ASN B 127 -30.10 -1.94 12.09
CA ASN B 127 -29.59 -2.16 13.41
C ASN B 127 -28.10 -1.75 13.57
N GLU B 128 -27.83 -0.56 14.09
CA GLU B 128 -26.44 -0.08 14.24
C GLU B 128 -25.53 -1.04 14.98
N SER B 129 -26.03 -1.60 16.08
CA SER B 129 -25.24 -2.46 16.93
C SER B 129 -24.69 -3.66 16.15
N ALA B 130 -25.25 -3.93 14.97
CA ALA B 130 -24.88 -5.11 14.17
C ALA B 130 -23.81 -4.87 13.10
N ASN B 131 -23.58 -3.60 12.73
CA ASN B 131 -22.71 -3.31 11.59
C ASN B 131 -21.53 -2.42 11.92
N GLN B 132 -20.45 -2.58 11.14
CA GLN B 132 -19.26 -1.74 11.25
C GLN B 132 -18.84 -1.14 9.88
N VAL B 133 -19.32 0.08 9.60
CA VAL B 133 -19.15 0.68 8.27
C VAL B 133 -19.44 2.17 8.23
N LEU B 134 -18.52 2.90 7.62
CA LEU B 134 -18.78 4.21 7.11
C LEU B 134 -18.84 4.16 5.56
N ALA B 135 -19.87 4.78 4.99
CA ALA B 135 -20.07 4.72 3.53
C ALA B 135 -20.54 6.04 3.02
N VAL B 136 -20.10 6.40 1.81
CA VAL B 136 -20.66 7.53 1.11
C VAL B 136 -21.37 6.94 -0.10
N GLU B 137 -22.70 7.10 -0.13
CA GLU B 137 -23.57 6.51 -1.15
C GLU B 137 -24.06 7.51 -2.16
N PHE B 138 -24.25 6.97 -3.35
CA PHE B 138 -24.84 7.60 -4.49
C PHE B 138 -26.01 6.67 -4.86
N ASP B 139 -27.20 7.08 -4.42
CA ASP B 139 -28.37 6.23 -4.35
C ASP B 139 -29.34 6.74 -5.36
N THR B 140 -29.58 5.93 -6.38
CA THR B 140 -30.40 6.35 -7.52
C THR B 140 -31.88 5.93 -7.41
N PHE B 141 -32.19 5.09 -6.41
CA PHE B 141 -33.48 4.40 -6.28
C PHE B 141 -34.08 4.45 -4.87
N PHE B 142 -35.26 5.05 -4.73
CA PHE B 142 -35.79 5.42 -3.40
C PHE B 142 -37.24 4.95 -3.11
N ALA B 143 -37.79 4.08 -3.95
CA ALA B 143 -39.20 3.68 -3.77
C ALA B 143 -39.48 3.03 -2.40
N GLN B 144 -40.58 3.45 -1.75
CA GLN B 144 -40.96 3.03 -0.37
C GLN B 144 -41.21 1.51 -0.15
N ASN B 145 -41.86 0.84 -1.09
CA ASN B 145 -42.11 -0.61 -0.92
C ASN B 145 -40.88 -1.43 -0.47
N SER B 146 -39.69 -0.99 -0.87
CA SER B 146 -38.44 -1.71 -0.53
C SER B 146 -37.32 -0.84 0.06
N ASN B 147 -37.37 0.48 -0.16
CA ASN B 147 -36.29 1.38 0.28
C ASN B 147 -36.89 2.35 1.25
N THR B 148 -37.52 1.77 2.27
CA THR B 148 -38.33 2.47 3.25
C THR B 148 -37.55 3.60 3.96
N TRP B 149 -36.25 3.35 4.16
CA TRP B 149 -35.33 4.27 4.84
C TRP B 149 -34.98 5.49 4.02
N ASP B 150 -35.20 5.42 2.71
CA ASP B 150 -34.76 6.50 1.82
C ASP B 150 -35.61 7.77 1.96
N PRO B 151 -35.05 8.96 1.66
CA PRO B 151 -35.91 10.11 1.43
C PRO B 151 -36.56 9.87 0.06
N ASN B 152 -37.45 10.76 -0.37
N ASN B 152 -37.45 10.76 -0.37
CA ASN B 152 -38.18 10.51 -1.60
CA ASN B 152 -38.24 10.50 -1.57
C ASN B 152 -37.62 11.16 -2.85
C ASN B 152 -37.64 11.09 -2.88
N TYR B 153 -36.32 10.94 -3.05
CA TYR B 153 -35.59 11.47 -4.20
C TYR B 153 -34.18 10.84 -4.24
N GLN B 154 -33.56 10.89 -5.42
CA GLN B 154 -32.15 10.50 -5.57
C GLN B 154 -31.25 11.38 -4.69
N HIS B 155 -30.23 10.78 -4.13
CA HIS B 155 -29.49 11.46 -3.06
C HIS B 155 -28.13 10.85 -2.88
N ILE B 156 -27.23 11.64 -2.32
CA ILE B 156 -25.94 11.24 -1.76
C ILE B 156 -26.13 11.22 -0.24
N GLY B 157 -25.64 10.17 0.42
CA GLY B 157 -25.70 10.07 1.87
C GLY B 157 -24.40 9.64 2.54
N ILE B 158 -24.33 9.87 3.85
CA ILE B 158 -23.21 9.46 4.67
C ILE B 158 -23.89 8.46 5.58
N ASP B 159 -23.50 7.19 5.45
CA ASP B 159 -24.07 6.09 6.20
C ASP B 159 -23.14 5.70 7.37
N VAL B 160 -23.69 5.58 8.58
CA VAL B 160 -22.90 5.16 9.75
C VAL B 160 -23.57 3.94 10.37
N ASN B 161 -23.06 2.75 10.10
CA ASN B 161 -23.61 1.50 10.67
C ASN B 161 -25.11 1.18 10.35
N SER B 162 -25.69 1.99 9.44
CA SER B 162 -27.03 1.78 8.88
C SER B 162 -27.17 2.12 7.35
N ILE B 163 -28.03 1.38 6.65
CA ILE B 163 -28.54 1.80 5.34
C ILE B 163 -29.40 3.11 5.36
N ARG B 164 -29.89 3.51 6.54
CA ARG B 164 -30.58 4.80 6.67
C ARG B 164 -29.53 5.87 6.91
N SER B 165 -29.29 6.69 5.90
CA SER B 165 -28.24 7.71 5.97
C SER B 165 -28.37 8.58 7.23
N SER B 166 -27.24 8.94 7.82
CA SER B 166 -27.24 9.91 8.90
C SER B 166 -27.57 11.31 8.35
N LYS B 167 -27.18 11.57 7.11
CA LYS B 167 -27.38 12.88 6.43
C LYS B 167 -27.47 12.65 4.94
N VAL B 168 -28.32 13.41 4.25
CA VAL B 168 -28.46 13.30 2.81
C VAL B 168 -28.44 14.68 2.17
N VAL B 169 -28.19 14.68 0.86
CA VAL B 169 -28.37 15.84 0.05
C VAL B 169 -28.96 15.35 -1.27
N ARG B 170 -29.96 16.08 -1.74
CA ARG B 170 -30.64 15.80 -2.99
C ARG B 170 -29.63 15.79 -4.14
N TRP B 171 -29.77 14.83 -5.03
CA TRP B 171 -28.80 14.65 -6.09
C TRP B 171 -29.54 14.18 -7.33
N GLU B 172 -28.99 14.54 -8.48
CA GLU B 172 -29.56 14.17 -9.77
C GLU B 172 -28.62 13.19 -10.48
N ARG B 173 -29.10 11.98 -10.76
CA ARG B 173 -28.38 11.04 -11.59
C ARG B 173 -28.45 11.57 -13.01
N ARG B 174 -27.30 11.52 -13.71
CA ARG B 174 -27.18 12.02 -15.07
C ARG B 174 -26.61 10.92 -15.94
N GLU B 175 -27.48 10.30 -16.73
CA GLU B 175 -27.16 9.11 -17.51
C GLU B 175 -25.81 9.24 -18.25
N GLY B 176 -24.93 8.28 -18.03
CA GLY B 176 -23.58 8.25 -18.61
C GLY B 176 -22.61 9.39 -18.31
N LYS B 177 -22.94 10.33 -17.43
CA LYS B 177 -21.99 11.41 -17.07
C LYS B 177 -21.12 11.02 -15.88
N THR B 178 -19.86 11.48 -15.96
CA THR B 178 -18.86 11.26 -14.95
C THR B 178 -19.10 12.17 -13.77
N LEU B 179 -19.27 11.57 -12.60
CA LEU B 179 -19.30 12.37 -11.36
C LEU B 179 -17.95 12.25 -10.65
N ASN B 180 -17.37 13.41 -10.35
CA ASN B 180 -16.06 13.48 -9.68
C ASN B 180 -16.23 13.79 -8.21
N VAL B 181 -15.76 12.90 -7.36
CA VAL B 181 -16.02 13.02 -5.95
C VAL B 181 -14.73 13.20 -5.13
N LEU B 182 -14.81 14.07 -4.12
CA LEU B 182 -13.76 14.19 -3.12
C LEU B 182 -14.33 14.03 -1.71
N VAL B 183 -13.90 12.96 -1.03
CA VAL B 183 -14.23 12.72 0.37
C VAL B 183 -13.00 12.93 1.29
N THR B 184 -13.19 13.71 2.36
CA THR B 184 -12.15 13.93 3.36
C THR B 184 -12.68 13.55 4.75
N TYR B 185 -11.79 13.11 5.64
CA TYR B 185 -12.14 12.96 7.05
C TYR B 185 -11.12 13.69 7.82
N ASN B 186 -11.60 14.60 8.67
CA ASN B 186 -10.74 15.47 9.43
C ASN B 186 -10.86 15.05 10.89
N PRO B 187 -9.85 14.32 11.42
CA PRO B 187 -9.93 13.76 12.77
C PRO B 187 -9.90 14.81 13.88
N SER B 188 -9.41 16.01 13.62
CA SER B 188 -9.53 16.99 14.69
C SER B 188 -10.97 17.52 14.89
N THR B 189 -11.74 17.70 13.81
CA THR B 189 -13.16 18.10 13.90
C THR B 189 -14.11 16.90 13.89
N ARG B 190 -13.57 15.72 13.55
CA ARG B 190 -14.31 14.46 13.56
C ARG B 190 -15.42 14.52 12.51
N THR B 191 -15.05 15.02 11.34
CA THR B 191 -16.01 15.42 10.31
C THR B 191 -15.70 14.73 8.99
N ILE B 192 -16.73 14.12 8.39
CA ILE B 192 -16.67 13.63 7.01
C ILE B 192 -17.23 14.75 6.11
N ASP B 193 -16.45 15.20 5.12
CA ASP B 193 -16.89 16.08 4.05
C ASP B 193 -16.95 15.35 2.67
N VAL B 194 -18.03 15.58 1.91
CA VAL B 194 -18.18 15.12 0.55
C VAL B 194 -18.44 16.31 -0.42
N VAL B 195 -17.67 16.38 -1.50
CA VAL B 195 -17.92 17.31 -2.61
C VAL B 195 -17.94 16.52 -3.91
N ALA B 196 -19.01 16.68 -4.69
CA ALA B 196 -19.17 15.95 -5.94
C ALA B 196 -19.52 16.92 -7.05
N THR B 197 -18.79 16.86 -8.17
CA THR B 197 -19.07 17.73 -9.33
C THR B 197 -19.23 16.99 -10.65
N TYR B 198 -20.20 17.45 -11.44
CA TYR B 198 -20.41 17.03 -12.79
C TYR B 198 -19.57 17.90 -13.74
N PRO B 199 -19.31 17.43 -14.99
CA PRO B 199 -18.49 18.20 -15.96
C PRO B 199 -18.98 19.62 -16.23
N ASP B 200 -20.28 19.88 -16.11
CA ASP B 200 -20.83 21.22 -16.35
C ASP B 200 -20.72 22.12 -15.11
N GLY B 201 -20.17 21.56 -14.04
CA GLY B 201 -19.95 22.32 -12.82
C GLY B 201 -21.03 22.22 -11.74
N GLN B 202 -22.12 21.52 -12.01
CA GLN B 202 -23.13 21.29 -10.99
C GLN B 202 -22.51 20.60 -9.77
N ARG B 203 -22.69 21.18 -8.59
CA ARG B 203 -22.01 20.73 -7.39
C ARG B 203 -22.96 20.31 -6.25
N TYR B 204 -22.51 19.30 -5.50
CA TYR B 204 -23.21 18.73 -4.37
C TYR B 204 -22.29 18.73 -3.16
N GLN B 205 -22.82 19.06 -1.99
CA GLN B 205 -22.00 19.12 -0.78
C GLN B 205 -22.74 18.54 0.41
N LEU B 206 -22.00 17.81 1.24
CA LEU B 206 -22.59 17.05 2.34
C LEU B 206 -21.52 16.83 3.38
N SER B 207 -21.95 16.86 4.64
CA SER B 207 -21.06 16.88 5.77
C SER B 207 -21.76 16.22 6.99
N HIS B 208 -21.04 15.38 7.73
CA HIS B 208 -21.55 14.73 8.98
C HIS B 208 -20.43 14.56 10.01
N VAL B 209 -20.76 14.90 11.27
CA VAL B 209 -19.83 14.73 12.38
C VAL B 209 -19.86 13.27 12.85
N VAL B 210 -18.73 12.58 12.73
CA VAL B 210 -18.58 11.19 13.20
C VAL B 210 -17.12 10.92 13.53
N ASP B 211 -16.91 10.22 14.66
CA ASP B 211 -15.57 9.87 15.14
C ASP B 211 -15.29 8.45 14.67
N LEU B 212 -14.44 8.32 13.64
CA LEU B 212 -14.15 6.97 13.14
C LEU B 212 -13.60 6.02 14.23
N THR B 213 -12.98 6.59 15.26
CA THR B 213 -12.32 5.78 16.30
C THR B 213 -13.29 5.08 17.21
N THR B 214 -14.53 5.61 17.29
CA THR B 214 -15.57 5.04 18.12
C THR B 214 -16.57 4.14 17.39
N ILE B 215 -16.28 3.84 16.11
CA ILE B 215 -17.21 3.18 15.19
C ILE B 215 -16.57 2.03 14.42
N LEU B 216 -15.27 2.20 14.14
CA LEU B 216 -14.48 1.26 13.33
C LEU B 216 -13.30 0.71 14.10
N PRO B 217 -12.87 -0.52 13.77
CA PRO B 217 -11.67 -1.07 14.45
C PRO B 217 -10.38 -0.31 14.05
N GLU B 218 -9.28 -0.62 14.73
CA GLU B 218 -8.03 0.11 14.58
C GLU B 218 -7.56 0.01 13.10
N TRP B 219 -7.65 -1.19 12.56
CA TRP B 219 -7.25 -1.45 11.20
C TRP B 219 -8.50 -1.68 10.34
N VAL B 220 -8.56 -1.03 9.18
CA VAL B 220 -9.70 -1.15 8.24
C VAL B 220 -9.22 -1.36 6.81
N ARG B 221 -10.15 -1.68 5.92
CA ARG B 221 -9.91 -1.57 4.48
C ARG B 221 -10.89 -0.60 3.90
N VAL B 222 -10.49 -0.03 2.74
CA VAL B 222 -11.27 0.91 1.94
C VAL B 222 -11.54 0.37 0.49
N GLY B 223 -12.66 0.79 -0.09
CA GLY B 223 -12.97 0.55 -1.49
C GLY B 223 -14.38 0.96 -1.86
N PHE B 224 -15.00 0.17 -2.75
CA PHE B 224 -16.29 0.50 -3.35
C PHE B 224 -17.24 -0.68 -3.41
N SER B 225 -18.50 -0.34 -3.29
CA SER B 225 -19.58 -1.29 -3.45
C SER B 225 -20.69 -0.72 -4.36
N ALA B 226 -21.34 -1.60 -5.10
CA ALA B 226 -22.51 -1.26 -5.92
C ALA B 226 -23.37 -2.48 -6.07
N ALA B 227 -24.65 -2.26 -6.33
CA ALA B 227 -25.55 -3.37 -6.52
C ALA B 227 -26.77 -3.03 -7.40
N SER B 228 -27.46 -4.08 -7.87
CA SER B 228 -28.78 -3.96 -8.49
C SER B 228 -29.68 -5.06 -8.01
N GLY B 229 -30.91 -4.70 -7.64
CA GLY B 229 -31.97 -5.66 -7.34
C GLY B 229 -32.79 -5.93 -8.59
N GLU B 230 -34.09 -5.63 -8.52
CA GLU B 230 -34.93 -5.88 -9.68
CA GLU B 230 -35.02 -5.80 -9.64
C GLU B 230 -34.80 -4.78 -10.74
N GLN B 231 -34.53 -3.52 -10.35
CA GLN B 231 -34.10 -2.47 -11.30
C GLN B 231 -32.56 -2.41 -11.31
N PHE B 232 -32.00 -1.87 -12.39
CA PHE B 232 -30.61 -2.13 -12.76
C PHE B 232 -29.95 -0.92 -13.42
N GLN B 233 -28.61 -0.97 -13.46
CA GLN B 233 -27.76 0.00 -14.16
C GLN B 233 -26.34 -0.55 -13.96
N THR B 234 -25.43 -0.20 -14.86
CA THR B 234 -24.01 -0.51 -14.71
C THR B 234 -23.41 0.51 -13.75
N HIS B 235 -22.45 0.07 -12.92
CA HIS B 235 -21.74 0.99 -12.04
C HIS B 235 -20.21 0.97 -12.40
N ASN B 236 -19.69 2.10 -12.87
CA ASN B 236 -18.39 2.16 -13.57
C ASN B 236 -17.41 3.07 -12.87
N LEU B 237 -16.38 2.46 -12.31
CA LEU B 237 -15.39 3.22 -11.57
C LEU B 237 -14.26 3.58 -12.52
N GLU B 238 -14.02 4.88 -12.71
CA GLU B 238 -13.06 5.40 -13.68
C GLU B 238 -11.62 5.54 -13.15
N SER B 239 -11.50 6.06 -11.93
CA SER B 239 -10.26 6.46 -11.34
C SER B 239 -10.47 6.56 -9.82
N TRP B 240 -9.39 6.40 -9.05
CA TRP B 240 -9.44 6.37 -7.59
C TRP B 240 -8.06 6.69 -7.03
N SER B 241 -7.98 7.70 -6.15
CA SER B 241 -6.80 7.91 -5.38
C SER B 241 -7.18 8.06 -3.92
N PHE B 242 -6.28 7.64 -3.04
CA PHE B 242 -6.58 7.59 -1.62
C PHE B 242 -5.31 7.88 -0.89
N THR B 243 -5.41 8.71 0.14
CA THR B 243 -4.31 8.92 1.05
C THR B 243 -4.83 8.81 2.49
N SER B 244 -3.96 8.48 3.42
CA SER B 244 -4.26 8.50 4.85
C SER B 244 -2.99 8.82 5.60
N THR B 245 -3.12 9.59 6.68
CA THR B 245 -1.95 9.96 7.49
C THR B 245 -2.26 9.93 8.96
N LEU B 246 -1.41 9.22 9.69
CA LEU B 246 -1.36 9.28 11.15
C LEU B 246 -0.73 10.59 11.59
N LEU B 247 -1.51 11.43 12.24
CA LEU B 247 -0.97 12.72 12.68
C LEU B 247 -1.37 13.01 14.13
N TYR B 248 -1.06 14.21 14.61
CA TYR B 248 -1.44 14.68 15.93
C TYR B 248 -2.55 15.65 15.67
N THR B 249 -3.66 15.50 16.39
CA THR B 249 -4.81 16.41 16.25
C THR B 249 -4.45 17.90 16.30
C1 MAN C . 36.82 -14.13 9.82
C2 MAN C . 35.55 -14.24 8.98
C3 MAN C . 34.89 -15.63 9.05
C4 MAN C . 35.89 -16.77 8.86
C5 MAN C . 36.98 -16.56 9.93
C6 MAN C . 37.98 -17.70 9.98
O1 MAN C . 36.39 -13.82 11.13
O2 MAN C . 35.80 -13.87 7.67
O3 MAN C . 33.85 -15.76 8.10
O4 MAN C . 35.21 -18.01 8.95
O5 MAN C . 37.64 -15.30 9.75
O6 MAN C . 38.83 -17.67 8.86
C1 MAN C . 32.56 -15.85 8.74
C2 MAN C . 31.53 -16.16 7.65
C3 MAN C . 31.42 -14.95 6.73
C4 MAN C . 31.18 -13.65 7.51
C5 MAN C . 32.20 -13.47 8.63
C6 MAN C . 31.83 -12.27 9.52
O2 MAN C . 30.29 -16.50 8.26
O3 MAN C . 30.36 -15.07 5.81
O4 MAN C . 31.16 -12.56 6.61
O5 MAN C . 32.25 -14.65 9.42
O6 MAN C . 30.55 -12.39 10.09
C1 MAN C . 40.18 -17.20 9.11
C2 MAN C . 40.86 -16.97 7.74
C3 MAN C . 41.05 -18.31 7.04
C4 MAN C . 41.81 -19.27 7.93
C5 MAN C . 41.09 -19.40 9.28
C6 MAN C . 41.92 -20.24 10.26
O2 MAN C . 42.10 -16.33 7.84
O3 MAN C . 41.76 -18.12 5.83
O4 MAN C . 41.90 -20.52 7.31
O5 MAN C . 40.94 -18.12 9.87
O6 MAN C . 43.06 -19.50 10.70
MN MN D . 29.93 -6.02 -0.33
CA CA E . 30.85 -8.20 3.14
S SO4 F . 2.58 -2.00 22.69
O1 SO4 F . 1.33 -1.70 21.98
O2 SO4 F . 2.62 -3.44 23.00
O3 SO4 F . 3.75 -1.63 21.89
O4 SO4 F . 2.60 -1.27 23.95
C1 GOL G . 17.62 -20.81 -2.40
O1 GOL G . 17.09 -19.50 -2.33
C2 GOL G . 17.00 -21.60 -1.26
O2 GOL G . 17.90 -21.49 -0.19
C3 GOL G . 16.92 -23.06 -1.70
O3 GOL G . 17.47 -23.87 -0.69
S SO4 H . 42.02 -11.40 5.18
O1 SO4 H . 41.61 -10.00 4.94
O2 SO4 H . 41.14 -12.35 4.53
O3 SO4 H . 43.35 -11.57 4.63
O4 SO4 H . 41.98 -11.68 6.62
MN MN I . -30.18 5.99 0.48
CA CA J . -31.93 3.19 -2.27
C1 GOL K . -8.46 5.49 20.21
O1 GOL K . -8.37 6.89 20.32
C2 GOL K . -8.33 4.91 21.61
O2 GOL K . -7.00 5.10 22.05
C3 GOL K . -8.57 3.41 21.54
O3 GOL K . -8.29 2.78 22.77
#